data_7YQG
#
_entry.id   7YQG
#
_cell.length_a   62.631
_cell.length_b   94.597
_cell.length_c   108.968
_cell.angle_alpha   90.00
_cell.angle_beta   90.00
_cell.angle_gamma   90.00
#
_symmetry.space_group_name_H-M   'P 21 21 21'
#
loop_
_entity.id
_entity.type
_entity.pdbx_description
1 polymer VP1
2 branched alpha-L-fucopyranose-(1-2)-beta-D-galactopyranose
3 non-polymer GLYCEROL
4 water water
#
_entity_poly.entity_id   1
_entity_poly.type   'polypeptide(L)'
_entity_poly.pdbx_seq_one_letter_code
;SKTKPFTLPILTLGELSNSRFPAPIDMLYTDPNEAIVVQPQNGRCTLDGTLQGTTQLVPTQICSFRGTLISQTSRSADST
DSAPRVRNHPLHVQLKNLDGTPYDPTDEVPAVLGAIDFKGTVFGVASQRNTTGNSIGATRAHEVHIDTTNPRYTPKLGSV
LMYSESNDFDDGQPTRFTPIGMGADDWHQWELPEYSGHLTLNMNLAPAVAPAFPGERILFFRSVVPSAGGYGSGHIDCLI
PQEWVQHFYQEAAPSQSAVALIRYVNPDTGRNIFEAKLHREGFITVANSGNNPIVVPPNGYFRFEAWVNQFYTLTPM
;
_entity_poly.pdbx_strand_id   A,B
#
loop_
_chem_comp.id
_chem_comp.type
_chem_comp.name
_chem_comp.formula
FUC L-saccharide, alpha linking alpha-L-fucopyranose 'C6 H12 O5'
GAL D-saccharide, beta linking beta-D-galactopyranose 'C6 H12 O6'
GOL non-polymer GLYCEROL 'C3 H8 O3'
#
# COMPACT_ATOMS: atom_id res chain seq x y z
N LYS A 4 28.55 -4.70 -6.31
CA LYS A 4 27.50 -4.47 -5.32
C LYS A 4 26.81 -5.79 -4.97
N PRO A 5 26.83 -6.14 -3.69
CA PRO A 5 26.26 -7.43 -3.27
C PRO A 5 24.74 -7.41 -3.36
N PHE A 6 24.19 -8.58 -3.67
CA PHE A 6 22.76 -8.76 -3.75
C PHE A 6 22.19 -9.09 -2.37
N THR A 7 21.05 -8.46 -2.04
CA THR A 7 20.41 -8.66 -0.74
C THR A 7 18.89 -8.70 -0.93
N LEU A 8 18.22 -9.32 0.05
CA LEU A 8 16.77 -9.34 0.16
C LEU A 8 16.33 -8.56 1.40
N PRO A 9 15.18 -7.88 1.34
CA PRO A 9 14.59 -7.29 2.55
C PRO A 9 14.43 -8.36 3.63
N ILE A 10 14.45 -7.91 4.89
CA ILE A 10 14.31 -8.83 6.02
C ILE A 10 12.90 -8.79 6.61
N LEU A 11 11.92 -8.24 5.88
CA LEU A 11 10.56 -8.21 6.39
C LEU A 11 9.98 -9.62 6.46
N THR A 12 9.22 -9.90 7.53
CA THR A 12 8.54 -11.17 7.73
C THR A 12 7.30 -11.24 6.84
N LEU A 13 6.69 -12.43 6.80
CA LEU A 13 5.57 -12.64 5.88
C LEU A 13 4.45 -11.64 6.14
N GLY A 14 4.11 -11.42 7.41
CA GLY A 14 3.07 -10.47 7.76
C GLY A 14 3.46 -9.02 7.62
N GLU A 15 4.70 -8.74 7.20
CA GLU A 15 5.16 -7.38 6.97
C GLU A 15 5.32 -7.08 5.48
N LEU A 16 4.87 -7.98 4.61
CA LEU A 16 5.05 -7.84 3.17
C LEU A 16 3.73 -7.54 2.48
N SER A 17 3.84 -6.93 1.29
CA SER A 17 2.71 -6.49 0.49
C SER A 17 2.67 -7.27 -0.81
N ASN A 18 1.46 -7.61 -1.25
CA ASN A 18 1.31 -8.23 -2.57
C ASN A 18 1.67 -7.25 -3.65
N SER A 19 2.33 -7.74 -4.71
CA SER A 19 2.69 -6.88 -5.84
C SER A 19 1.66 -6.94 -6.96
N ARG A 20 0.59 -7.72 -6.79
CA ARG A 20 -0.46 -7.79 -7.80
C ARG A 20 -1.81 -7.29 -7.31
N PHE A 21 -1.91 -6.86 -6.05
CA PHE A 21 -3.16 -6.35 -5.49
C PHE A 21 -2.81 -5.61 -4.21
N PRO A 22 -3.51 -4.54 -3.87
CA PRO A 22 -3.13 -3.82 -2.63
C PRO A 22 -3.59 -4.57 -1.40
N ALA A 23 -2.72 -5.44 -0.88
CA ALA A 23 -3.10 -6.37 0.19
C ALA A 23 -1.84 -6.87 0.86
N PRO A 24 -1.90 -7.16 2.16
CA PRO A 24 -0.78 -7.86 2.81
C PRO A 24 -0.70 -9.30 2.34
N ILE A 25 0.49 -9.87 2.44
CA ILE A 25 0.66 -11.30 2.18
C ILE A 25 0.07 -12.10 3.33
N ASP A 26 -0.67 -13.16 3.00
CA ASP A 26 -1.26 -14.03 4.03
C ASP A 26 -0.47 -15.31 4.25
N MET A 27 0.12 -15.89 3.21
CA MET A 27 0.82 -17.17 3.35
C MET A 27 1.66 -17.39 2.10
N LEU A 28 2.63 -18.28 2.23
CA LEU A 28 3.30 -18.81 1.05
C LEU A 28 2.45 -19.93 0.45
N TYR A 29 2.61 -20.16 -0.85
CA TYR A 29 1.75 -21.13 -1.52
C TYR A 29 2.45 -21.76 -2.71
N THR A 30 2.27 -23.08 -2.85
CA THR A 30 2.62 -23.79 -4.08
C THR A 30 1.41 -24.58 -4.53
N ASP A 31 1.35 -24.83 -5.83
CA ASP A 31 0.26 -25.64 -6.38
C ASP A 31 0.33 -27.04 -5.79
N PRO A 32 -0.73 -27.53 -5.14
CA PRO A 32 -0.69 -28.88 -4.56
C PRO A 32 -0.91 -29.97 -5.59
N ASN A 33 -1.25 -29.60 -6.81
CA ASN A 33 -1.57 -30.56 -7.86
C ASN A 33 -0.38 -30.79 -8.78
N GLU A 34 0.02 -29.76 -9.54
CA GLU A 34 1.01 -29.88 -10.59
C GLU A 34 1.79 -28.58 -10.72
N ALA A 35 2.85 -28.62 -11.52
CA ALA A 35 3.53 -27.40 -11.89
C ALA A 35 2.68 -26.63 -12.90
N ILE A 36 2.81 -25.31 -12.89
CA ILE A 36 2.03 -24.46 -13.78
C ILE A 36 2.97 -23.46 -14.46
N VAL A 37 2.41 -22.78 -15.47
CA VAL A 37 3.07 -21.66 -16.15
C VAL A 37 2.20 -20.41 -15.93
N VAL A 38 2.85 -19.30 -15.57
CA VAL A 38 2.11 -18.07 -15.27
C VAL A 38 2.79 -16.89 -15.96
N GLN A 39 2.00 -15.83 -16.22
CA GLN A 39 2.55 -14.67 -16.90
C GLN A 39 1.97 -13.37 -16.35
N PRO A 40 1.99 -13.14 -15.03
CA PRO A 40 1.43 -11.90 -14.50
C PRO A 40 2.23 -10.71 -15.03
N GLN A 41 1.56 -9.54 -15.07
CA GLN A 41 2.22 -8.33 -15.57
C GLN A 41 2.53 -7.32 -14.47
N ASN A 42 1.87 -7.41 -13.32
CA ASN A 42 2.28 -6.66 -12.13
C ASN A 42 3.19 -7.54 -11.27
N GLY A 43 4.04 -6.89 -10.47
CA GLY A 43 4.97 -7.64 -9.64
C GLY A 43 6.09 -8.30 -10.41
N ARG A 44 6.56 -7.66 -11.48
CA ARG A 44 7.59 -8.21 -12.34
C ARG A 44 8.82 -7.31 -12.25
N CYS A 45 9.86 -7.83 -11.62
CA CYS A 45 11.10 -7.09 -11.51
C CYS A 45 12.23 -8.11 -11.47
N THR A 46 13.22 -7.93 -12.34
CA THR A 46 14.37 -8.82 -12.31
C THR A 46 15.23 -8.54 -11.07
N LEU A 47 16.12 -9.48 -10.76
CA LEU A 47 16.93 -9.32 -9.56
C LEU A 47 17.86 -8.12 -9.64
N ASP A 48 18.23 -7.68 -10.83
CA ASP A 48 19.07 -6.49 -10.94
C ASP A 48 18.24 -5.21 -11.11
N GLY A 49 16.93 -5.29 -10.91
CA GLY A 49 16.11 -4.11 -10.77
C GLY A 49 15.43 -3.61 -12.02
N THR A 50 15.22 -4.44 -13.03
CA THR A 50 14.50 -4.05 -14.24
C THR A 50 13.01 -4.35 -14.08
N LEU A 51 12.20 -3.31 -14.02
CA LEU A 51 10.75 -3.50 -14.01
C LEU A 51 10.28 -3.98 -15.37
N GLN A 52 9.27 -4.84 -15.38
CA GLN A 52 8.70 -5.39 -16.60
C GLN A 52 7.17 -5.32 -16.56
N GLY A 53 6.55 -5.63 -17.70
CA GLY A 53 5.09 -5.66 -17.73
C GLY A 53 4.50 -4.31 -17.43
N THR A 54 3.46 -4.31 -16.59
CA THR A 54 2.80 -3.09 -16.13
C THR A 54 3.25 -2.70 -14.72
N THR A 55 4.42 -3.17 -14.29
CA THR A 55 4.81 -3.01 -12.90
C THR A 55 5.24 -1.57 -12.61
N GLN A 56 4.67 -0.99 -11.55
CA GLN A 56 5.12 0.29 -11.02
C GLN A 56 5.40 0.10 -9.53
N LEU A 57 5.88 1.16 -8.88
CA LEU A 57 6.50 1.02 -7.58
C LEU A 57 5.59 1.23 -6.37
N VAL A 58 4.43 1.88 -6.51
CA VAL A 58 3.65 2.32 -5.36
C VAL A 58 2.72 1.17 -4.95
N PRO A 59 2.81 0.66 -3.72
CA PRO A 59 2.05 -0.55 -3.36
C PRO A 59 0.55 -0.32 -3.26
N THR A 60 0.11 0.90 -2.96
CA THR A 60 -1.31 1.15 -2.86
C THR A 60 -1.96 1.43 -4.20
N GLN A 61 -1.18 1.53 -5.28
CA GLN A 61 -1.69 1.90 -6.60
C GLN A 61 -1.88 0.71 -7.53
N ILE A 62 -1.52 -0.50 -7.10
CA ILE A 62 -1.65 -1.67 -7.96
C ILE A 62 -3.13 -1.95 -8.19
N CYS A 63 -3.50 -2.14 -9.46
CA CYS A 63 -4.87 -2.38 -9.92
C CYS A 63 -5.76 -1.15 -9.76
N SER A 64 -5.17 0.03 -9.52
CA SER A 64 -5.89 1.30 -9.54
C SER A 64 -5.89 1.86 -10.94
N PHE A 65 -6.83 2.77 -11.20
CA PHE A 65 -6.84 3.57 -12.41
C PHE A 65 -7.06 5.02 -12.03
N ARG A 66 -6.54 5.90 -12.89
CA ARG A 66 -6.70 7.33 -12.74
C ARG A 66 -7.03 7.88 -14.11
N GLY A 67 -7.97 8.84 -14.17
CA GLY A 67 -8.32 9.38 -15.45
C GLY A 67 -9.40 10.43 -15.39
N THR A 68 -10.15 10.57 -16.48
CA THR A 68 -11.23 11.54 -16.62
C THR A 68 -12.47 10.81 -17.08
N LEU A 69 -13.61 11.10 -16.44
CA LEU A 69 -14.87 10.52 -16.87
C LEU A 69 -15.34 11.21 -18.14
N ILE A 70 -15.45 10.49 -19.23
CA ILE A 70 -15.78 11.15 -20.49
C ILE A 70 -17.26 11.12 -20.74
N SER A 71 -17.86 9.97 -20.52
CA SER A 71 -19.28 9.83 -20.74
C SER A 71 -19.83 8.75 -19.82
N GLN A 72 -21.14 8.86 -19.54
CA GLN A 72 -21.80 7.88 -18.70
C GLN A 72 -22.92 7.20 -19.46
N ASN A 88 -27.19 -0.97 -13.83
CA ASN A 88 -25.79 -0.59 -13.82
C ASN A 88 -25.49 0.55 -14.80
N HIS A 89 -24.99 1.64 -14.26
CA HIS A 89 -24.70 2.82 -15.04
C HIS A 89 -23.27 2.78 -15.55
N PRO A 90 -23.04 3.01 -16.84
CA PRO A 90 -21.68 2.90 -17.39
C PRO A 90 -20.86 4.16 -17.13
N LEU A 91 -19.57 3.97 -16.84
CA LEU A 91 -18.64 5.06 -16.60
C LEU A 91 -17.44 4.84 -17.51
N HIS A 92 -17.35 5.61 -18.59
CA HIS A 92 -16.24 5.52 -19.54
CA HIS A 92 -16.25 5.52 -19.53
C HIS A 92 -15.11 6.43 -19.06
N VAL A 93 -13.96 5.83 -18.73
CA VAL A 93 -12.84 6.57 -18.14
C VAL A 93 -11.69 6.63 -19.14
N GLN A 94 -11.29 7.85 -19.49
CA GLN A 94 -10.09 8.10 -20.29
C GLN A 94 -8.88 8.21 -19.35
N LEU A 95 -7.89 7.35 -19.54
CA LEU A 95 -6.86 7.12 -18.53
C LEU A 95 -5.72 8.10 -18.63
N LYS A 96 -5.09 8.36 -17.47
CA LYS A 96 -3.74 8.89 -17.39
C LYS A 96 -2.91 7.92 -16.55
N ASN A 97 -1.62 8.19 -16.42
CA ASN A 97 -0.81 7.38 -15.53
C ASN A 97 -1.19 7.64 -14.07
N LEU A 98 -0.92 6.62 -13.25
CA LEU A 98 -1.26 6.72 -11.83
C LEU A 98 -0.49 7.84 -11.14
N ASP A 99 0.72 8.13 -11.62
CA ASP A 99 1.48 9.23 -11.03
C ASP A 99 1.05 10.60 -11.54
N GLY A 100 -0.01 10.65 -12.35
CA GLY A 100 -0.55 11.90 -12.84
C GLY A 100 -0.04 12.33 -14.20
N THR A 101 1.02 11.71 -14.72
CA THR A 101 1.49 12.10 -16.04
C THR A 101 0.56 11.56 -17.13
N PRO A 102 0.53 12.21 -18.30
CA PRO A 102 -0.30 11.69 -19.40
C PRO A 102 0.11 10.27 -19.77
N TYR A 103 -0.89 9.46 -20.12
CA TYR A 103 -0.63 8.10 -20.59
C TYR A 103 -0.43 8.09 -22.10
N ASP A 104 0.70 7.54 -22.54
CA ASP A 104 1.01 7.44 -23.96
C ASP A 104 0.81 6.01 -24.42
N PRO A 105 -0.22 5.73 -25.23
CA PRO A 105 -0.46 4.34 -25.65
C PRO A 105 0.65 3.74 -26.49
N THR A 106 1.61 4.54 -26.98
CA THR A 106 2.72 3.98 -27.74
C THR A 106 3.89 3.56 -26.86
N ASP A 107 3.79 3.76 -25.55
CA ASP A 107 4.80 3.24 -24.64
C ASP A 107 4.93 1.73 -24.83
N GLU A 108 6.16 1.22 -24.68
CA GLU A 108 6.40 -0.21 -24.86
C GLU A 108 6.03 -0.96 -23.58
N VAL A 109 4.73 -0.91 -23.28
CA VAL A 109 4.16 -1.56 -22.10
C VAL A 109 2.90 -2.28 -22.57
N PRO A 110 2.47 -3.35 -21.88
CA PRO A 110 1.21 -3.99 -22.27
C PRO A 110 0.01 -3.09 -22.06
N ALA A 111 0.08 -2.15 -21.14
CA ALA A 111 -1.04 -1.33 -20.72
C ALA A 111 -0.50 -0.30 -19.75
N VAL A 112 -1.32 0.72 -19.46
CA VAL A 112 -0.98 1.70 -18.44
C VAL A 112 -0.47 0.99 -17.17
N LEU A 113 0.63 1.51 -16.62
CA LEU A 113 1.24 0.82 -15.48
C LEU A 113 0.23 0.70 -14.35
N GLY A 114 0.21 -0.46 -13.70
CA GLY A 114 -0.70 -0.71 -12.61
C GLY A 114 -2.03 -1.33 -13.01
N ALA A 115 -2.33 -1.42 -14.31
CA ALA A 115 -3.60 -2.00 -14.77
C ALA A 115 -3.81 -3.41 -14.22
N ILE A 116 -5.08 -3.78 -14.06
CA ILE A 116 -5.43 -5.15 -13.64
C ILE A 116 -4.91 -6.13 -14.68
N ASP A 117 -4.20 -7.17 -14.22
CA ASP A 117 -3.50 -8.07 -15.13
C ASP A 117 -4.13 -9.46 -15.20
N PHE A 118 -5.42 -9.58 -14.93
CA PHE A 118 -6.09 -10.87 -15.03
C PHE A 118 -7.55 -10.67 -15.43
N LYS A 119 -8.19 -11.77 -15.83
CA LYS A 119 -9.60 -11.76 -16.19
C LYS A 119 -10.46 -11.91 -14.95
N GLY A 120 -11.37 -10.96 -14.73
CA GLY A 120 -12.29 -11.07 -13.62
C GLY A 120 -13.01 -9.76 -13.42
N THR A 121 -13.98 -9.78 -12.51
CA THR A 121 -14.71 -8.58 -12.13
C THR A 121 -14.11 -8.09 -10.81
N VAL A 122 -13.53 -6.90 -10.83
CA VAL A 122 -12.89 -6.32 -9.67
C VAL A 122 -13.81 -5.22 -9.16
N PHE A 123 -14.23 -5.32 -7.91
CA PHE A 123 -15.02 -4.24 -7.36
C PHE A 123 -14.15 -3.32 -6.53
N GLY A 124 -14.56 -2.06 -6.46
CA GLY A 124 -13.81 -1.05 -5.74
C GLY A 124 -14.67 0.19 -5.58
N VAL A 125 -14.03 1.34 -5.45
CA VAL A 125 -14.72 2.62 -5.29
C VAL A 125 -14.17 3.57 -6.34
N ALA A 126 -15.05 4.23 -7.08
CA ALA A 126 -14.62 5.30 -7.97
C ALA A 126 -14.92 6.63 -7.28
N SER A 127 -13.99 7.57 -7.35
CA SER A 127 -14.20 8.84 -6.68
C SER A 127 -13.80 9.98 -7.61
N GLN A 128 -14.33 11.18 -7.31
CA GLN A 128 -13.99 12.37 -8.08
C GLN A 128 -13.86 13.58 -7.16
N ARG A 129 -12.99 14.49 -7.56
CA ARG A 129 -12.93 15.84 -6.99
C ARG A 129 -12.85 16.81 -8.15
N ASN A 130 -13.87 17.67 -8.27
CA ASN A 130 -14.02 18.47 -9.50
C ASN A 130 -12.91 19.50 -9.64
N THR A 131 -12.41 19.65 -10.88
CA THR A 131 -11.41 20.66 -11.17
C THR A 131 -11.88 21.73 -12.14
N THR A 132 -13.00 21.54 -12.84
CA THR A 132 -13.54 22.55 -13.74
C THR A 132 -15.06 22.65 -13.55
N GLY A 133 -15.65 23.67 -14.14
CA GLY A 133 -17.10 23.83 -14.10
C GLY A 133 -17.57 24.64 -12.91
N ASN A 134 -18.85 24.45 -12.58
CA ASN A 134 -19.57 25.28 -11.63
C ASN A 134 -19.42 24.84 -10.18
N SER A 135 -18.87 23.65 -9.91
CA SER A 135 -18.71 23.14 -8.57
CA SER A 135 -18.72 23.12 -8.57
C SER A 135 -17.29 22.62 -8.36
N ILE A 136 -16.31 23.48 -8.67
CA ILE A 136 -14.91 23.10 -8.46
C ILE A 136 -14.70 22.76 -7.00
N GLY A 137 -14.01 21.64 -6.75
CA GLY A 137 -13.80 21.17 -5.41
C GLY A 137 -14.84 20.19 -4.90
N ALA A 138 -16.00 20.11 -5.54
CA ALA A 138 -17.03 19.17 -5.10
C ALA A 138 -16.59 17.74 -5.35
N THR A 139 -16.92 16.85 -4.40
CA THR A 139 -16.47 15.46 -4.42
C THR A 139 -17.66 14.50 -4.39
N ARG A 140 -17.38 13.26 -4.79
CA ARG A 140 -18.31 12.16 -4.63
C ARG A 140 -17.53 10.85 -4.79
N ALA A 141 -18.09 9.78 -4.24
CA ALA A 141 -17.45 8.47 -4.35
C ALA A 141 -18.49 7.39 -4.16
N HIS A 142 -18.42 6.35 -5.00
CA HIS A 142 -19.39 5.26 -4.95
C HIS A 142 -18.74 3.97 -5.38
N GLU A 143 -19.33 2.86 -4.92
CA GLU A 143 -18.88 1.55 -5.34
C GLU A 143 -19.08 1.37 -6.84
N VAL A 144 -18.10 0.75 -7.49
CA VAL A 144 -18.16 0.40 -8.91
C VAL A 144 -17.49 -0.96 -9.09
N HIS A 145 -17.65 -1.51 -10.30
CA HIS A 145 -16.88 -2.69 -10.64
C HIS A 145 -16.36 -2.57 -12.06
N ILE A 146 -15.25 -3.24 -12.32
CA ILE A 146 -14.62 -3.29 -13.62
C ILE A 146 -14.48 -4.74 -14.03
N ASP A 147 -15.13 -5.13 -15.13
CA ASP A 147 -15.01 -6.47 -15.68
C ASP A 147 -13.90 -6.42 -16.72
N THR A 148 -12.76 -7.04 -16.43
CA THR A 148 -11.64 -6.95 -17.35
C THR A 148 -11.80 -7.82 -18.58
N THR A 149 -12.87 -8.62 -18.68
CA THR A 149 -13.20 -9.30 -19.95
C THR A 149 -14.15 -8.49 -20.81
N ASN A 150 -14.60 -7.32 -20.35
CA ASN A 150 -15.50 -6.49 -21.14
C ASN A 150 -14.79 -6.03 -22.41
N PRO A 151 -15.47 -5.98 -23.55
CA PRO A 151 -14.81 -5.48 -24.76
C PRO A 151 -14.24 -4.06 -24.62
N ARG A 152 -14.73 -3.29 -23.65
CA ARG A 152 -14.24 -1.94 -23.44
C ARG A 152 -13.21 -1.87 -22.30
N TYR A 153 -12.73 -3.01 -21.82
CA TYR A 153 -11.53 -3.02 -20.97
C TYR A 153 -10.34 -2.91 -21.90
N THR A 154 -9.93 -1.69 -22.19
CA THR A 154 -8.85 -1.43 -23.16
C THR A 154 -7.83 -0.48 -22.59
N PRO A 155 -7.17 -0.84 -21.48
CA PRO A 155 -6.22 0.08 -20.85
C PRO A 155 -4.99 0.34 -21.68
N LYS A 156 -4.67 -0.54 -22.64
CA LYS A 156 -3.57 -0.25 -23.56
C LYS A 156 -3.93 0.91 -24.48
N LEU A 157 -5.16 0.91 -25.00
CA LEU A 157 -5.62 2.02 -25.83
C LEU A 157 -5.87 3.28 -25.02
N GLY A 158 -6.04 3.15 -23.71
CA GLY A 158 -6.17 4.28 -22.82
C GLY A 158 -7.55 4.51 -22.19
N SER A 159 -8.42 3.49 -22.17
CA SER A 159 -9.77 3.67 -21.66
C SER A 159 -10.24 2.38 -20.99
N VAL A 160 -11.05 2.53 -19.93
CA VAL A 160 -11.70 1.40 -19.29
C VAL A 160 -13.15 1.77 -19.01
N LEU A 161 -14.02 0.76 -19.00
CA LEU A 161 -15.45 0.94 -18.72
C LEU A 161 -15.76 0.36 -17.34
N MET A 162 -16.22 1.21 -16.43
CA MET A 162 -16.65 0.80 -15.11
C MET A 162 -18.18 0.85 -15.04
N TYR A 163 -18.75 0.13 -14.09
CA TYR A 163 -20.19 0.14 -13.91
C TYR A 163 -20.51 0.43 -12.46
N SER A 164 -21.56 1.22 -12.24
CA SER A 164 -21.95 1.59 -10.89
C SER A 164 -23.46 1.50 -10.76
N GLU A 165 -23.92 1.24 -9.54
CA GLU A 165 -25.35 1.40 -9.26
C GLU A 165 -25.74 2.86 -9.10
N SER A 166 -24.80 3.73 -8.77
CA SER A 166 -25.07 5.15 -8.58
C SER A 166 -24.80 5.91 -9.88
N ASN A 167 -25.69 6.86 -10.20
CA ASN A 167 -25.48 7.78 -11.31
C ASN A 167 -24.93 9.13 -10.84
N ASP A 168 -24.48 9.20 -9.60
CA ASP A 168 -23.94 10.43 -9.01
C ASP A 168 -22.46 10.56 -9.35
N PHE A 169 -22.20 10.79 -10.64
CA PHE A 169 -20.86 11.04 -11.16
C PHE A 169 -20.95 12.19 -12.16
N ASP A 170 -19.89 13.00 -12.23
CA ASP A 170 -19.84 14.21 -13.04
C ASP A 170 -18.95 13.98 -14.26
N ASP A 171 -19.51 14.19 -15.45
CA ASP A 171 -18.73 14.07 -16.67
C ASP A 171 -17.62 15.11 -16.73
N GLY A 172 -16.48 14.73 -17.31
CA GLY A 172 -15.38 15.65 -17.53
C GLY A 172 -14.51 15.92 -16.32
N GLN A 173 -14.71 15.19 -15.22
CA GLN A 173 -13.95 15.46 -14.02
C GLN A 173 -12.94 14.35 -13.72
N PRO A 174 -11.88 14.68 -13.00
CA PRO A 174 -10.89 13.66 -12.59
C PRO A 174 -11.56 12.54 -11.81
N THR A 175 -11.21 11.30 -12.15
CA THR A 175 -11.86 10.13 -11.62
C THR A 175 -10.81 9.10 -11.24
N ARG A 176 -10.93 8.52 -10.05
CA ARG A 176 -9.97 7.52 -9.58
C ARG A 176 -10.71 6.26 -9.21
N PHE A 177 -10.15 5.12 -9.59
CA PHE A 177 -10.67 3.82 -9.20
C PHE A 177 -9.71 3.19 -8.22
N THR A 178 -10.21 2.84 -7.03
CA THR A 178 -9.43 2.11 -6.04
C THR A 178 -10.01 0.73 -5.88
N PRO A 179 -9.24 -0.33 -6.12
CA PRO A 179 -9.78 -1.70 -6.04
C PRO A 179 -9.92 -2.14 -4.60
N ILE A 180 -10.92 -3.01 -4.37
CA ILE A 180 -11.12 -3.62 -3.06
C ILE A 180 -11.08 -5.15 -3.14
N GLY A 181 -11.70 -5.75 -4.15
CA GLY A 181 -11.72 -7.22 -4.18
C GLY A 181 -12.60 -7.76 -5.30
N MET A 182 -13.17 -8.95 -5.06
CA MET A 182 -13.95 -9.63 -6.09
C MET A 182 -15.33 -9.01 -6.24
N GLY A 183 -15.66 -8.61 -7.48
CA GLY A 183 -17.01 -8.15 -7.76
C GLY A 183 -17.93 -9.25 -8.25
N ALA A 184 -17.38 -10.41 -8.55
CA ALA A 184 -18.14 -11.61 -8.92
C ALA A 184 -17.22 -12.79 -8.71
N ASP A 185 -17.80 -13.99 -8.65
CA ASP A 185 -17.01 -15.22 -8.51
C ASP A 185 -16.58 -15.72 -9.89
N ASP A 186 -15.68 -14.94 -10.52
CA ASP A 186 -15.32 -15.14 -11.92
C ASP A 186 -13.84 -14.86 -12.20
N TRP A 187 -12.99 -15.00 -11.19
CA TRP A 187 -11.59 -14.64 -11.35
C TRP A 187 -10.79 -15.77 -11.99
N HIS A 188 -9.89 -15.40 -12.90
CA HIS A 188 -8.91 -16.32 -13.50
C HIS A 188 -7.59 -15.57 -13.43
N GLN A 189 -6.90 -15.70 -12.29
CA GLN A 189 -5.80 -14.79 -12.01
C GLN A 189 -4.60 -14.99 -12.93
N TRP A 190 -4.55 -16.09 -13.66
CA TRP A 190 -3.43 -16.34 -14.56
C TRP A 190 -3.81 -16.14 -16.02
N GLU A 191 -5.03 -15.74 -16.30
CA GLU A 191 -5.48 -15.49 -17.67
C GLU A 191 -5.39 -14.00 -17.92
N LEU A 192 -4.50 -13.59 -18.81
CA LEU A 192 -4.33 -12.17 -19.09
C LEU A 192 -5.57 -11.62 -19.79
N PRO A 193 -5.95 -10.39 -19.49
CA PRO A 193 -6.99 -9.73 -20.27
C PRO A 193 -6.45 -9.39 -21.65
N GLU A 194 -7.37 -8.98 -22.54
CA GLU A 194 -7.00 -8.45 -23.85
C GLU A 194 -6.88 -6.94 -23.69
N TYR A 195 -5.65 -6.48 -23.46
CA TYR A 195 -5.42 -5.10 -23.04
C TYR A 195 -5.87 -4.09 -24.10
N SER A 196 -5.91 -4.48 -25.37
CA SER A 196 -6.41 -3.62 -26.43
C SER A 196 -7.79 -4.04 -26.94
N GLY A 197 -8.48 -4.93 -26.23
CA GLY A 197 -9.76 -5.43 -26.70
C GLY A 197 -9.60 -6.62 -27.62
N HIS A 198 -10.73 -7.06 -28.21
CA HIS A 198 -10.68 -8.23 -29.08
C HIS A 198 -9.81 -8.02 -30.30
N LEU A 199 -9.62 -6.76 -30.71
CA LEU A 199 -8.86 -6.46 -31.91
C LEU A 199 -7.41 -6.94 -31.79
N THR A 200 -6.62 -6.26 -30.97
CA THR A 200 -5.17 -6.43 -30.98
C THR A 200 -4.74 -7.51 -29.98
N LEU A 201 -3.69 -8.24 -30.36
CA LEU A 201 -2.99 -9.10 -29.42
C LEU A 201 -2.21 -8.26 -28.42
N ASN A 202 -1.98 -8.85 -27.24
CA ASN A 202 -1.16 -8.20 -26.22
C ASN A 202 0.29 -8.07 -26.69
N MET A 203 0.94 -6.99 -26.25
CA MET A 203 2.31 -6.68 -26.64
C MET A 203 3.14 -6.31 -25.43
N ASN A 204 4.46 -6.41 -25.59
CA ASN A 204 5.43 -5.94 -24.59
C ASN A 204 5.26 -6.65 -23.25
N LEU A 205 4.84 -7.91 -23.27
CA LEU A 205 4.55 -8.62 -22.04
C LEU A 205 5.82 -9.04 -21.32
N ALA A 206 5.80 -8.93 -20.00
CA ALA A 206 6.78 -9.67 -19.20
C ALA A 206 6.65 -11.16 -19.49
N PRO A 207 7.74 -11.91 -19.52
CA PRO A 207 7.67 -13.29 -20.04
C PRO A 207 6.95 -14.24 -19.09
N ALA A 208 6.44 -15.32 -19.68
CA ALA A 208 5.91 -16.41 -18.89
C ALA A 208 7.03 -17.05 -18.08
N VAL A 209 6.69 -17.54 -16.89
CA VAL A 209 7.68 -18.22 -16.06
C VAL A 209 7.15 -19.59 -15.65
N ALA A 210 8.05 -20.53 -15.47
CA ALA A 210 7.69 -21.89 -15.08
C ALA A 210 8.92 -22.57 -14.50
N PRO A 211 8.73 -23.60 -13.68
CA PRO A 211 9.90 -24.39 -13.23
C PRO A 211 10.56 -25.03 -14.42
N ALA A 212 11.89 -25.13 -14.37
CA ALA A 212 12.65 -25.67 -15.49
C ALA A 212 12.89 -27.17 -15.37
N PHE A 213 12.51 -27.76 -14.25
CA PHE A 213 12.74 -29.17 -14.00
C PHE A 213 11.50 -29.80 -13.40
N PRO A 214 11.24 -31.07 -13.74
CA PRO A 214 10.22 -31.81 -12.98
C PRO A 214 10.62 -31.88 -11.52
N GLY A 215 9.64 -31.86 -10.64
CA GLY A 215 9.89 -31.87 -9.23
C GLY A 215 10.03 -30.50 -8.61
N GLU A 216 10.14 -29.43 -9.39
CA GLU A 216 10.11 -28.07 -8.84
C GLU A 216 8.76 -27.43 -9.09
N ARG A 217 8.43 -26.46 -8.23
CA ARG A 217 7.19 -25.69 -8.27
C ARG A 217 7.51 -24.24 -8.02
N ILE A 218 6.73 -23.33 -8.65
CA ILE A 218 6.86 -21.92 -8.29
C ILE A 218 6.32 -21.71 -6.89
N LEU A 219 7.06 -20.95 -6.08
CA LEU A 219 6.60 -20.55 -4.76
C LEU A 219 5.99 -19.16 -4.87
N PHE A 220 4.73 -19.03 -4.46
CA PHE A 220 4.00 -17.79 -4.56
C PHE A 220 3.84 -17.14 -3.17
N PHE A 221 3.72 -15.82 -3.18
CA PHE A 221 3.27 -15.06 -2.02
C PHE A 221 1.78 -14.79 -2.23
N ARG A 222 0.94 -15.38 -1.37
CA ARG A 222 -0.50 -15.40 -1.57
C ARG A 222 -1.21 -14.42 -0.66
N SER A 223 -2.14 -13.66 -1.23
CA SER A 223 -3.09 -12.84 -0.49
C SER A 223 -4.49 -13.42 -0.68
N VAL A 224 -5.32 -13.30 0.35
CA VAL A 224 -6.73 -13.66 0.29
C VAL A 224 -7.48 -12.36 0.45
N VAL A 225 -8.12 -11.90 -0.63
CA VAL A 225 -8.69 -10.55 -0.68
C VAL A 225 -10.22 -10.59 -0.54
N PRO A 226 -10.86 -9.46 -0.26
CA PRO A 226 -12.31 -9.46 -0.04
C PRO A 226 -13.10 -9.81 -1.29
N SER A 227 -14.38 -10.12 -1.06
CA SER A 227 -15.31 -10.39 -2.13
C SER A 227 -16.67 -9.79 -1.76
N ALA A 228 -17.32 -9.17 -2.74
CA ALA A 228 -18.63 -8.55 -2.52
C ALA A 228 -19.77 -9.49 -2.88
N GLY A 229 -19.76 -10.70 -2.32
CA GLY A 229 -20.83 -11.63 -2.55
C GLY A 229 -20.37 -12.95 -3.16
N GLY A 230 -21.11 -14.01 -2.92
CA GLY A 230 -20.73 -15.30 -3.44
C GLY A 230 -19.65 -15.95 -2.59
N TYR A 231 -19.03 -16.98 -3.15
CA TYR A 231 -18.10 -17.83 -2.43
C TYR A 231 -16.70 -17.79 -2.97
N GLY A 232 -16.39 -16.81 -3.82
CA GLY A 232 -15.05 -16.71 -4.40
C GLY A 232 -13.96 -16.72 -3.36
N SER A 233 -12.85 -17.39 -3.67
CA SER A 233 -11.78 -17.60 -2.71
C SER A 233 -10.95 -16.34 -2.47
N GLY A 234 -10.90 -15.44 -3.45
CA GLY A 234 -10.13 -14.22 -3.30
C GLY A 234 -8.63 -14.38 -3.40
N HIS A 235 -8.14 -15.43 -4.04
CA HIS A 235 -6.69 -15.66 -4.08
C HIS A 235 -6.04 -14.75 -5.11
N ILE A 236 -4.98 -14.05 -4.70
CA ILE A 236 -4.09 -13.35 -5.62
C ILE A 236 -2.67 -13.73 -5.24
N ASP A 237 -1.99 -14.42 -6.15
CA ASP A 237 -0.61 -14.89 -5.91
C ASP A 237 0.37 -14.02 -6.69
N CYS A 238 1.46 -13.61 -6.04
CA CYS A 238 2.48 -12.83 -6.72
C CYS A 238 3.83 -13.54 -6.65
N LEU A 239 4.69 -13.20 -7.61
CA LEU A 239 5.99 -13.89 -7.73
C LEU A 239 6.96 -13.41 -6.68
N ILE A 240 6.98 -12.09 -6.44
CA ILE A 240 7.74 -11.49 -5.34
C ILE A 240 6.90 -10.37 -4.75
N PRO A 241 7.07 -10.08 -3.47
CA PRO A 241 6.29 -9.01 -2.85
C PRO A 241 6.72 -7.64 -3.35
N GLN A 242 5.85 -6.67 -3.16
CA GLN A 242 6.12 -5.33 -3.67
C GLN A 242 7.36 -4.72 -3.02
N GLU A 243 7.66 -5.08 -1.77
CA GLU A 243 8.88 -4.55 -1.15
C GLU A 243 10.12 -5.10 -1.84
N TRP A 244 10.04 -6.31 -2.37
CA TRP A 244 11.20 -6.84 -3.11
C TRP A 244 11.35 -6.10 -4.43
N VAL A 245 10.23 -5.84 -5.11
CA VAL A 245 10.25 -5.00 -6.31
C VAL A 245 10.94 -3.68 -6.02
N GLN A 246 10.48 -2.98 -4.97
CA GLN A 246 11.08 -1.69 -4.64
C GLN A 246 12.55 -1.83 -4.30
N HIS A 247 12.91 -2.92 -3.61
CA HIS A 247 14.29 -3.10 -3.17
C HIS A 247 15.22 -3.37 -4.36
N PHE A 248 14.84 -4.32 -5.23
CA PHE A 248 15.68 -4.62 -6.38
C PHE A 248 15.80 -3.40 -7.30
N TYR A 249 14.71 -2.66 -7.48
CA TYR A 249 14.74 -1.47 -8.32
C TYR A 249 15.77 -0.47 -7.81
N GLN A 250 15.84 -0.26 -6.49
CA GLN A 250 16.77 0.72 -5.95
C GLN A 250 18.21 0.19 -5.90
N GLU A 251 18.37 -1.07 -5.49
CA GLU A 251 19.72 -1.60 -5.31
C GLU A 251 20.42 -1.83 -6.64
N ALA A 252 19.70 -2.37 -7.62
CA ALA A 252 20.23 -2.64 -8.96
C ALA A 252 21.55 -3.41 -8.87
N ALA A 253 21.59 -4.41 -7.99
CA ALA A 253 22.78 -5.23 -7.83
C ALA A 253 22.92 -6.15 -9.05
N PRO A 254 24.10 -6.23 -9.67
CA PRO A 254 24.28 -7.14 -10.81
C PRO A 254 24.05 -8.59 -10.40
N SER A 255 23.33 -9.32 -11.26
CA SER A 255 23.09 -10.74 -11.02
C SER A 255 24.31 -11.55 -11.45
N GLN A 256 24.90 -12.27 -10.50
CA GLN A 256 26.15 -12.97 -10.80
C GLN A 256 25.93 -14.32 -11.48
N SER A 257 24.71 -14.82 -11.49
CA SER A 257 24.34 -16.05 -12.16
C SER A 257 22.85 -15.98 -12.45
N ALA A 258 22.34 -17.01 -13.12
CA ALA A 258 20.91 -17.03 -13.40
C ALA A 258 20.08 -17.43 -12.20
N VAL A 259 20.71 -17.91 -11.11
CA VAL A 259 19.97 -18.47 -9.98
C VAL A 259 20.66 -18.08 -8.68
N ALA A 260 19.96 -17.35 -7.82
CA ALA A 260 20.41 -17.11 -6.45
C ALA A 260 19.80 -18.15 -5.54
N LEU A 261 20.63 -18.77 -4.69
CA LEU A 261 20.10 -19.64 -3.66
C LEU A 261 19.65 -18.79 -2.47
N ILE A 262 18.40 -18.97 -2.05
CA ILE A 262 17.89 -18.27 -0.87
C ILE A 262 17.38 -19.29 0.13
N ARG A 263 17.44 -18.92 1.41
CA ARG A 263 16.97 -19.78 2.48
C ARG A 263 15.99 -19.01 3.34
N TYR A 264 14.86 -19.64 3.67
CA TYR A 264 13.93 -19.09 4.65
C TYR A 264 14.46 -19.44 6.03
N VAL A 265 14.84 -18.43 6.81
CA VAL A 265 15.57 -18.66 8.04
C VAL A 265 14.75 -18.17 9.22
N ASN A 266 14.94 -18.85 10.36
CA ASN A 266 14.46 -18.36 11.64
C ASN A 266 15.56 -17.49 12.24
N PRO A 267 15.38 -16.18 12.35
CA PRO A 267 16.47 -15.34 12.85
C PRO A 267 16.82 -15.60 14.30
N ASP A 268 15.87 -16.12 15.09
CA ASP A 268 16.17 -16.41 16.48
C ASP A 268 17.07 -17.62 16.62
N THR A 269 16.85 -18.65 15.82
CA THR A 269 17.60 -19.89 15.92
C THR A 269 18.68 -20.05 14.86
N GLY A 270 18.69 -19.20 13.83
CA GLY A 270 19.60 -19.38 12.71
C GLY A 270 19.32 -20.59 11.87
N ARG A 271 18.20 -21.28 12.11
CA ARG A 271 17.88 -22.52 11.41
C ARG A 271 17.34 -22.21 10.02
N ASN A 272 17.84 -22.96 9.03
CA ASN A 272 17.32 -22.94 7.66
C ASN A 272 16.03 -23.77 7.63
N ILE A 273 14.90 -23.10 7.40
CA ILE A 273 13.62 -23.82 7.36
C ILE A 273 13.49 -24.60 6.05
N PHE A 274 13.70 -23.91 4.94
CA PHE A 274 13.74 -24.54 3.62
C PHE A 274 14.57 -23.64 2.72
N GLU A 275 14.92 -24.16 1.56
CA GLU A 275 15.71 -23.41 0.60
C GLU A 275 14.96 -23.32 -0.73
N ALA A 276 15.38 -22.38 -1.57
CA ALA A 276 14.67 -22.11 -2.80
C ALA A 276 15.61 -21.49 -3.81
N LYS A 277 15.25 -21.62 -5.08
CA LYS A 277 15.94 -20.95 -6.17
C LYS A 277 15.22 -19.63 -6.45
N LEU A 278 15.95 -18.53 -6.37
CA LEU A 278 15.43 -17.22 -6.77
C LEU A 278 16.03 -16.90 -8.14
N HIS A 279 15.21 -17.01 -9.17
CA HIS A 279 15.67 -16.86 -10.54
C HIS A 279 15.91 -15.40 -10.89
N ARG A 280 16.93 -15.16 -11.72
CA ARG A 280 17.27 -13.81 -12.16
C ARG A 280 16.05 -13.06 -12.68
N GLU A 281 15.14 -13.78 -13.36
CA GLU A 281 13.97 -13.13 -13.93
C GLU A 281 13.03 -12.58 -12.85
N GLY A 282 13.13 -13.05 -11.61
CA GLY A 282 12.36 -12.45 -10.54
C GLY A 282 11.25 -13.35 -10.02
N PHE A 283 11.54 -14.63 -9.87
CA PHE A 283 10.56 -15.55 -9.29
C PHE A 283 11.30 -16.68 -8.60
N ILE A 284 10.56 -17.42 -7.77
CA ILE A 284 11.13 -18.41 -6.87
C ILE A 284 10.60 -19.79 -7.25
N THR A 285 11.46 -20.80 -7.24
CA THR A 285 11.00 -22.19 -7.27
C THR A 285 11.53 -22.96 -6.07
N VAL A 286 10.77 -23.97 -5.66
CA VAL A 286 11.13 -24.87 -4.58
C VAL A 286 11.03 -26.29 -5.09
N ALA A 287 11.68 -27.20 -4.39
CA ALA A 287 11.51 -28.62 -4.67
C ALA A 287 10.20 -29.09 -4.05
N ASN A 288 9.32 -29.62 -4.90
CA ASN A 288 8.06 -30.18 -4.46
C ASN A 288 8.29 -31.22 -3.37
N SER A 289 7.47 -31.17 -2.31
CA SER A 289 7.53 -32.19 -1.27
C SER A 289 6.14 -32.74 -0.96
N GLY A 290 5.30 -32.83 -1.98
CA GLY A 290 3.99 -33.42 -1.85
C GLY A 290 2.92 -32.40 -1.52
N ASN A 291 1.67 -32.88 -1.51
CA ASN A 291 0.54 -32.04 -1.12
C ASN A 291 0.67 -31.70 0.36
N ASN A 292 1.66 -30.84 0.67
CA ASN A 292 2.12 -30.40 1.97
C ASN A 292 1.59 -29.02 2.26
N PRO A 293 0.94 -28.77 3.38
CA PRO A 293 0.71 -27.38 3.80
C PRO A 293 2.01 -26.77 4.30
N ILE A 294 2.18 -25.48 4.01
CA ILE A 294 3.45 -24.80 4.24
C ILE A 294 3.43 -24.18 5.64
N VAL A 295 4.35 -24.62 6.49
CA VAL A 295 4.46 -24.17 7.88
C VAL A 295 5.77 -23.39 8.02
N VAL A 296 5.65 -22.12 8.40
CA VAL A 296 6.83 -21.26 8.58
C VAL A 296 6.66 -20.44 9.86
N PRO A 297 7.78 -20.12 10.50
CA PRO A 297 7.70 -19.33 11.72
C PRO A 297 7.38 -17.87 11.41
N PRO A 298 6.60 -17.22 12.26
CA PRO A 298 6.19 -15.84 11.97
C PRO A 298 7.34 -14.84 11.92
N ASN A 299 8.46 -15.10 12.59
CA ASN A 299 9.61 -14.20 12.55
C ASN A 299 10.56 -14.51 11.40
N GLY A 300 10.26 -15.52 10.58
CA GLY A 300 11.17 -15.91 9.54
C GLY A 300 11.13 -15.00 8.32
N TYR A 301 12.20 -15.05 7.56
CA TYR A 301 12.27 -14.34 6.29
C TYR A 301 13.32 -15.01 5.42
N PHE A 302 13.26 -14.71 4.13
CA PHE A 302 14.25 -15.20 3.18
C PHE A 302 15.53 -14.39 3.29
N ARG A 303 16.65 -15.10 3.17
CA ARG A 303 17.98 -14.52 3.15
C ARG A 303 18.73 -15.05 1.93
N PHE A 304 19.46 -14.16 1.25
CA PHE A 304 20.32 -14.60 0.15
C PHE A 304 21.48 -15.42 0.72
N GLU A 305 21.72 -16.60 0.14
CA GLU A 305 22.80 -17.45 0.60
C GLU A 305 24.02 -17.42 -0.34
N ALA A 306 23.81 -17.64 -1.63
CA ALA A 306 24.91 -17.66 -2.58
C ALA A 306 24.35 -17.71 -3.98
N TRP A 307 25.17 -17.31 -4.95
CA TRP A 307 24.83 -17.51 -6.35
C TRP A 307 25.11 -18.95 -6.74
N VAL A 308 24.13 -19.61 -7.34
CA VAL A 308 24.30 -20.99 -7.77
C VAL A 308 23.99 -21.09 -9.26
N ASN A 309 23.53 -22.25 -9.72
CA ASN A 309 23.18 -22.40 -11.12
C ASN A 309 22.00 -23.35 -11.20
N GLN A 310 21.56 -23.60 -12.44
CA GLN A 310 20.34 -24.38 -12.66
C GLN A 310 20.48 -25.81 -12.18
N PHE A 311 21.71 -26.31 -12.04
CA PHE A 311 21.92 -27.69 -11.64
C PHE A 311 21.89 -27.90 -10.13
N TYR A 312 21.71 -26.84 -9.35
CA TYR A 312 21.64 -26.99 -7.90
C TYR A 312 20.42 -27.82 -7.53
N THR A 313 20.61 -28.82 -6.67
CA THR A 313 19.52 -29.71 -6.25
C THR A 313 18.94 -29.20 -4.94
N LEU A 314 17.70 -28.71 -5.00
CA LEU A 314 17.05 -28.19 -3.81
C LEU A 314 16.57 -29.32 -2.91
N THR A 315 16.76 -29.15 -1.61
CA THR A 315 16.17 -30.06 -0.64
C THR A 315 14.65 -29.95 -0.71
N PRO A 316 13.91 -31.07 -0.76
CA PRO A 316 12.45 -30.99 -0.78
C PRO A 316 11.92 -30.15 0.37
N MET A 317 11.00 -29.24 0.03
CA MET A 317 10.59 -28.16 0.91
C MET A 317 10.06 -28.63 2.27
N LYS B 4 27.71 1.12 10.38
CA LYS B 4 26.79 1.01 9.26
C LYS B 4 26.26 2.38 8.83
N PRO B 5 26.55 2.79 7.61
CA PRO B 5 26.19 4.16 7.20
C PRO B 5 24.69 4.33 7.06
N PHE B 6 24.22 5.49 7.51
CA PHE B 6 22.82 5.85 7.35
C PHE B 6 22.53 6.23 5.91
N THR B 7 21.41 5.75 5.38
CA THR B 7 21.02 6.07 4.00
C THR B 7 19.52 6.27 3.93
N LEU B 8 19.09 7.00 2.88
CA LEU B 8 17.70 7.20 2.52
C LEU B 8 17.37 6.45 1.22
N PRO B 9 16.14 5.96 1.09
CA PRO B 9 15.71 5.37 -0.20
C PRO B 9 15.93 6.34 -1.34
N ILE B 10 16.09 5.81 -2.54
CA ILE B 10 16.31 6.68 -3.70
C ILE B 10 15.05 6.75 -4.55
N LEU B 11 13.89 6.65 -3.92
CA LEU B 11 12.63 6.75 -4.63
C LEU B 11 12.22 8.22 -4.76
N THR B 12 11.76 8.57 -5.96
CA THR B 12 11.29 9.92 -6.23
C THR B 12 9.94 10.16 -5.58
N LEU B 13 9.48 11.41 -5.63
CA LEU B 13 8.25 11.77 -4.91
C LEU B 13 7.06 10.95 -5.42
N GLY B 14 6.94 10.79 -6.74
CA GLY B 14 5.86 10.01 -7.30
C GLY B 14 5.97 8.51 -7.09
N GLU B 15 7.04 8.06 -6.42
CA GLU B 15 7.29 6.66 -6.15
C GLU B 15 7.14 6.33 -4.67
N LEU B 16 6.66 7.27 -3.87
CA LEU B 16 6.57 7.11 -2.42
C LEU B 16 5.12 6.99 -1.97
N SER B 17 4.93 6.39 -0.79
CA SER B 17 3.62 6.13 -0.18
C SER B 17 3.48 6.89 1.12
N ASN B 18 2.29 7.43 1.36
CA ASN B 18 1.99 8.08 2.63
C ASN B 18 2.02 7.05 3.77
N SER B 19 2.57 7.43 4.90
CA SER B 19 2.63 6.54 6.05
C SER B 19 1.46 6.73 7.01
N ARG B 20 0.54 7.64 6.68
CA ARG B 20 -0.64 7.86 7.52
C ARG B 20 -1.95 7.54 6.81
N PHE B 21 -1.91 7.14 5.55
CA PHE B 21 -3.11 6.77 4.79
C PHE B 21 -2.65 6.02 3.56
N PRO B 22 -3.40 5.04 3.08
CA PRO B 22 -2.93 4.30 1.91
C PRO B 22 -3.10 5.14 0.64
N ALA B 23 -2.05 5.86 0.27
CA ALA B 23 -2.13 6.81 -0.83
C ALA B 23 -0.72 7.13 -1.29
N PRO B 24 -0.52 7.44 -2.57
CA PRO B 24 0.78 7.96 -3.00
C PRO B 24 0.97 9.39 -2.50
N ILE B 25 2.23 9.79 -2.44
CA ILE B 25 2.58 11.15 -2.09
C ILE B 25 2.32 12.05 -3.30
N ASP B 26 1.70 13.19 -3.07
CA ASP B 26 1.41 14.11 -4.16
C ASP B 26 2.37 15.28 -4.22
N MET B 27 2.89 15.74 -3.09
CA MET B 27 3.78 16.89 -3.08
C MET B 27 4.43 17.00 -1.71
N LEU B 28 5.51 17.79 -1.65
CA LEU B 28 6.03 18.27 -0.38
C LEU B 28 5.24 19.49 0.06
N TYR B 29 5.20 19.73 1.37
CA TYR B 29 4.34 20.76 1.91
C TYR B 29 4.89 21.33 3.21
N THR B 30 4.90 22.65 3.33
CA THR B 30 5.09 23.33 4.61
C THR B 30 3.89 24.22 4.87
N ASP B 31 3.56 24.41 6.14
CA ASP B 31 2.48 25.30 6.52
C ASP B 31 2.77 26.72 6.05
N PRO B 32 1.91 27.32 5.21
CA PRO B 32 2.17 28.69 4.72
C PRO B 32 1.82 29.77 5.71
N ASN B 33 1.26 29.41 6.86
CA ASN B 33 0.84 30.39 7.86
C ASN B 33 1.88 30.55 8.96
N GLU B 34 2.09 29.50 9.75
CA GLU B 34 2.94 29.54 10.92
C GLU B 34 3.55 28.17 11.14
N ALA B 35 4.48 28.09 12.09
CA ALA B 35 4.97 26.80 12.54
C ALA B 35 3.93 26.14 13.45
N ILE B 36 3.91 24.80 13.44
CA ILE B 36 2.91 24.06 14.21
C ILE B 36 3.62 22.97 15.03
N VAL B 37 2.83 22.34 15.91
CA VAL B 37 3.26 21.16 16.66
C VAL B 37 2.30 20.03 16.31
N VAL B 38 2.84 18.84 16.03
CA VAL B 38 2.01 17.74 15.57
C VAL B 38 2.41 16.47 16.31
N GLN B 39 1.47 15.52 16.39
CA GLN B 39 1.76 14.29 17.13
C GLN B 39 1.09 13.08 16.47
N PRO B 40 1.30 12.86 15.16
CA PRO B 40 0.70 11.68 14.53
C PRO B 40 1.24 10.40 15.16
N GLN B 41 0.45 9.33 15.07
CA GLN B 41 0.87 8.05 15.62
C GLN B 41 1.21 7.01 14.55
N ASN B 42 0.73 7.17 13.32
CA ASN B 42 1.24 6.39 12.21
C ASN B 42 2.36 7.14 11.52
N GLY B 43 3.23 6.39 10.86
CA GLY B 43 4.37 7.02 10.20
C GLY B 43 5.44 7.51 11.16
N ARG B 44 5.64 6.81 12.27
CA ARG B 44 6.57 7.21 13.32
C ARG B 44 7.68 6.17 13.40
N CYS B 45 8.87 6.54 12.95
CA CYS B 45 10.04 5.67 13.02
C CYS B 45 11.28 6.52 13.23
N THR B 46 12.08 6.18 14.23
CA THR B 46 13.35 6.90 14.40
C THR B 46 14.32 6.51 13.28
N LEU B 47 15.34 7.36 13.10
CA LEU B 47 16.32 7.12 12.04
C LEU B 47 17.08 5.82 12.25
N ASP B 48 17.17 5.34 13.49
CA ASP B 48 17.86 4.08 13.74
C ASP B 48 16.89 2.90 13.82
N GLY B 49 15.64 3.09 13.42
CA GLY B 49 14.75 1.97 13.14
C GLY B 49 13.76 1.58 14.22
N THR B 50 13.48 2.46 15.18
CA THR B 50 12.53 2.14 16.24
C THR B 50 11.15 2.64 15.84
N LEU B 51 10.22 1.71 15.62
CA LEU B 51 8.84 2.08 15.38
C LEU B 51 8.21 2.64 16.66
N GLN B 52 7.32 3.62 16.49
CA GLN B 52 6.66 4.25 17.62
C GLN B 52 5.16 4.37 17.35
N GLY B 53 4.42 4.75 18.38
CA GLY B 53 3.00 5.03 18.17
C GLY B 53 2.25 3.77 17.77
N THR B 54 1.39 3.92 16.75
CA THR B 54 0.67 2.78 16.18
C THR B 54 1.28 2.32 14.86
N THR B 55 2.54 2.66 14.63
CA THR B 55 3.11 2.45 13.31
C THR B 55 3.39 0.98 13.06
N GLN B 56 2.90 0.48 11.93
CA GLN B 56 3.25 -0.85 11.43
C GLN B 56 3.77 -0.71 10.00
N LEU B 57 4.17 -1.83 9.40
CA LEU B 57 5.05 -1.78 8.24
C LEU B 57 4.34 -1.91 6.90
N VAL B 58 3.09 -2.37 6.85
CA VAL B 58 2.42 -2.69 5.59
C VAL B 58 1.71 -1.43 5.08
N PRO B 59 2.06 -0.93 3.89
CA PRO B 59 1.46 0.34 3.44
C PRO B 59 -0.02 0.23 3.15
N THR B 60 -0.52 -0.94 2.75
CA THR B 60 -1.94 -1.09 2.42
C THR B 60 -2.78 -1.38 3.65
N GLN B 61 -2.19 -1.37 4.84
CA GLN B 61 -2.95 -1.64 6.05
CA GLN B 61 -2.91 -1.64 6.07
C GLN B 61 -3.06 -0.43 6.96
N ILE B 62 -2.50 0.72 6.57
CA ILE B 62 -2.62 1.92 7.39
C ILE B 62 -4.07 2.37 7.42
N CYS B 63 -4.60 2.59 8.62
CA CYS B 63 -5.97 3.03 8.87
C CYS B 63 -6.99 1.93 8.55
N SER B 64 -6.55 0.68 8.42
CA SER B 64 -7.43 -0.49 8.31
C SER B 64 -7.71 -1.06 9.70
N PHE B 65 -8.77 -1.86 9.76
CA PHE B 65 -9.09 -2.63 10.96
C PHE B 65 -9.47 -4.03 10.54
N ARG B 66 -9.29 -4.97 11.47
CA ARG B 66 -9.62 -6.37 11.26
C ARG B 66 -10.19 -6.92 12.54
N GLY B 67 -11.24 -7.73 12.45
CA GLY B 67 -11.78 -8.29 13.68
C GLY B 67 -13.04 -9.10 13.48
N THR B 68 -13.89 -9.17 14.50
CA THR B 68 -15.11 -9.95 14.46
C THR B 68 -16.30 -9.03 14.68
N LEU B 69 -17.32 -9.17 13.83
CA LEU B 69 -18.52 -8.37 13.99
C LEU B 69 -19.35 -8.91 15.15
N ILE B 70 -19.77 -8.02 16.04
CA ILE B 70 -20.59 -8.37 17.20
C ILE B 70 -21.91 -7.64 17.06
N SER B 71 -23.00 -8.40 16.89
CA SER B 71 -24.32 -7.82 16.70
C SER B 71 -24.74 -7.01 17.93
N GLN B 72 -25.67 -6.09 17.71
CA GLN B 72 -26.16 -5.22 18.77
C GLN B 72 -27.01 -5.98 19.80
N THR B 73 -27.04 -5.44 21.01
CA THR B 73 -27.87 -5.89 22.14
C THR B 73 -27.77 -7.40 22.35
N ARG B 87 -30.89 5.59 6.99
CA ARG B 87 -30.69 4.88 8.24
C ARG B 87 -29.33 4.18 8.29
N ASN B 88 -28.59 4.42 9.36
CA ASN B 88 -27.25 3.88 9.50
C ASN B 88 -27.24 2.81 10.58
N HIS B 89 -26.81 1.62 10.20
CA HIS B 89 -26.77 0.42 11.03
C HIS B 89 -25.43 0.31 11.74
N PRO B 90 -25.42 0.16 13.06
CA PRO B 90 -24.15 0.08 13.78
C PRO B 90 -23.50 -1.28 13.61
N LEU B 91 -22.17 -1.26 13.52
CA LEU B 91 -21.35 -2.47 13.33
C LEU B 91 -20.19 -2.40 14.33
N HIS B 92 -20.35 -3.09 15.45
CA HIS B 92 -19.28 -3.17 16.46
C HIS B 92 -18.27 -4.22 16.01
N VAL B 93 -17.02 -3.81 15.85
CA VAL B 93 -15.95 -4.73 15.45
C VAL B 93 -15.02 -4.93 16.63
N GLN B 94 -14.93 -6.19 17.11
CA GLN B 94 -13.98 -6.57 18.14
C GLN B 94 -12.66 -6.92 17.46
N LEU B 95 -11.61 -6.16 17.77
CA LEU B 95 -10.43 -6.11 16.92
C LEU B 95 -9.46 -7.26 17.19
N LYS B 96 -8.75 -7.65 16.14
CA LYS B 96 -7.48 -8.33 16.26
C LYS B 96 -6.42 -7.46 15.59
N ASN B 97 -5.16 -7.88 15.69
CA ASN B 97 -4.14 -7.15 14.94
C ASN B 97 -4.32 -7.35 13.44
N LEU B 98 -3.80 -6.40 12.68
CA LEU B 98 -3.91 -6.45 11.23
C LEU B 98 -3.22 -7.67 10.64
N ASP B 99 -2.19 -8.17 11.31
CA ASP B 99 -1.51 -9.37 10.82
C ASP B 99 -2.19 -10.66 11.27
N GLY B 100 -3.35 -10.55 11.90
CA GLY B 100 -4.13 -11.70 12.29
C GLY B 100 -3.90 -12.18 13.71
N THR B 101 -2.84 -11.71 14.37
CA THR B 101 -2.56 -12.15 15.74
C THR B 101 -3.56 -11.49 16.70
N PRO B 102 -3.85 -12.12 17.84
CA PRO B 102 -4.77 -11.50 18.80
C PRO B 102 -4.28 -10.14 19.24
N TYR B 103 -5.23 -9.24 19.49
CA TYR B 103 -4.89 -7.91 19.98
C TYR B 103 -4.85 -7.93 21.50
N ASP B 104 -3.73 -7.44 22.05
CA ASP B 104 -3.52 -7.43 23.50
C ASP B 104 -3.56 -6.00 24.01
N PRO B 105 -4.60 -5.60 24.76
CA PRO B 105 -4.68 -4.20 25.21
C PRO B 105 -3.57 -3.83 26.19
N THR B 106 -2.84 -4.78 26.75
CA THR B 106 -1.74 -4.44 27.64
C THR B 106 -0.44 -4.12 26.92
N ASP B 107 -0.38 -4.31 25.60
CA ASP B 107 0.80 -3.87 24.85
C ASP B 107 1.04 -2.38 25.09
N GLU B 108 2.32 -1.99 25.07
CA GLU B 108 2.70 -0.60 25.31
C GLU B 108 2.60 0.23 24.03
N VAL B 109 1.38 0.30 23.51
CA VAL B 109 1.06 1.06 22.30
C VAL B 109 -0.18 1.90 22.59
N PRO B 110 -0.37 2.99 21.85
CA PRO B 110 -1.57 3.83 22.09
C PRO B 110 -2.86 3.13 21.68
N ALA B 111 -2.81 2.18 20.76
CA ALA B 111 -3.98 1.52 20.17
C ALA B 111 -3.44 0.43 19.26
N VAL B 112 -4.36 -0.42 18.77
CA VAL B 112 -3.98 -1.46 17.82
C VAL B 112 -3.19 -0.84 16.67
N LEU B 113 -2.10 -1.50 16.28
CA LEU B 113 -1.25 -0.91 15.26
C LEU B 113 -2.06 -0.69 13.99
N GLY B 114 -1.83 0.46 13.35
CA GLY B 114 -2.52 0.84 12.14
C GLY B 114 -3.79 1.64 12.35
N ALA B 115 -4.25 1.80 13.59
CA ALA B 115 -5.49 2.51 13.85
C ALA B 115 -5.43 3.93 13.30
N ILE B 116 -6.59 4.47 12.92
CA ILE B 116 -6.68 5.87 12.48
C ILE B 116 -6.22 6.77 13.61
N ASP B 117 -5.31 7.73 13.30
CA ASP B 117 -4.66 8.55 14.31
C ASP B 117 -5.14 10.00 14.30
N PHE B 118 -6.37 10.25 13.87
CA PHE B 118 -6.87 11.62 13.86
C PHE B 118 -8.39 11.61 13.98
N LYS B 119 -8.93 12.78 14.36
CA LYS B 119 -10.37 12.96 14.50
C LYS B 119 -11.00 13.22 13.13
N GLY B 120 -12.00 12.42 12.77
CA GLY B 120 -12.67 12.60 11.50
C GLY B 120 -13.49 11.38 11.16
N THR B 121 -14.31 11.53 10.11
CA THR B 121 -15.12 10.43 9.60
C THR B 121 -14.43 9.84 8.37
N VAL B 122 -14.01 8.59 8.48
CA VAL B 122 -13.29 7.92 7.40
C VAL B 122 -14.25 6.95 6.75
N PHE B 123 -14.48 7.10 5.45
CA PHE B 123 -15.32 6.13 4.77
C PHE B 123 -14.45 5.08 4.08
N GLY B 124 -15.01 3.89 3.94
CA GLY B 124 -14.28 2.80 3.35
C GLY B 124 -15.23 1.70 3.01
N VAL B 125 -14.69 0.48 2.94
CA VAL B 125 -15.49 -0.70 2.68
C VAL B 125 -15.22 -1.72 3.76
N ALA B 126 -16.30 -2.27 4.34
CA ALA B 126 -16.19 -3.39 5.26
C ALA B 126 -16.57 -4.67 4.52
N SER B 127 -15.77 -5.71 4.71
CA SER B 127 -15.99 -6.97 4.01
C SER B 127 -15.91 -8.13 4.99
N GLN B 128 -16.58 -9.24 4.62
CA GLN B 128 -16.55 -10.46 5.42
C GLN B 128 -16.43 -11.68 4.52
N ARG B 129 -15.77 -12.71 5.05
CA ARG B 129 -15.80 -14.06 4.50
C ARG B 129 -16.04 -15.03 5.66
N ASN B 130 -17.17 -15.74 5.63
CA ASN B 130 -17.59 -16.48 6.82
C ASN B 130 -16.67 -17.65 7.11
N THR B 131 -16.39 -17.86 8.40
CA THR B 131 -15.58 -18.99 8.84
C THR B 131 -16.32 -19.96 9.73
N THR B 132 -17.47 -19.58 10.27
CA THR B 132 -18.31 -20.48 11.05
C THR B 132 -19.76 -20.35 10.59
N GLY B 133 -20.59 -21.28 11.04
CA GLY B 133 -22.01 -21.23 10.74
C GLY B 133 -22.38 -22.06 9.53
N ASN B 134 -23.57 -21.78 9.01
CA ASN B 134 -24.14 -22.58 7.93
C ASN B 134 -23.75 -22.08 6.54
N SER B 135 -22.97 -21.01 6.42
CA SER B 135 -22.58 -20.47 5.13
C SER B 135 -21.08 -20.18 5.12
N ILE B 136 -20.28 -21.15 5.54
CA ILE B 136 -18.83 -20.95 5.57
C ILE B 136 -18.34 -20.67 4.17
N GLY B 137 -17.55 -19.61 4.03
CA GLY B 137 -17.04 -19.18 2.74
C GLY B 137 -17.87 -18.13 2.04
N ALA B 138 -19.12 -17.91 2.47
CA ALA B 138 -19.92 -16.84 1.87
C ALA B 138 -19.34 -15.48 2.22
N THR B 139 -19.43 -14.55 1.26
CA THR B 139 -18.79 -13.24 1.36
C THR B 139 -19.81 -12.13 1.15
N ARG B 140 -19.44 -10.94 1.62
CA ARG B 140 -20.19 -9.72 1.35
C ARG B 140 -19.29 -8.53 1.65
N ALA B 141 -19.62 -7.39 1.03
CA ALA B 141 -18.82 -6.20 1.28
C ALA B 141 -19.67 -4.98 0.93
N HIS B 142 -19.57 -3.94 1.76
CA HIS B 142 -20.38 -2.74 1.58
C HIS B 142 -19.63 -1.52 2.10
N GLU B 143 -20.00 -0.35 1.59
CA GLU B 143 -19.45 0.89 2.13
C GLU B 143 -19.87 1.06 3.58
N VAL B 144 -18.94 1.57 4.38
CA VAL B 144 -19.17 1.90 5.79
C VAL B 144 -18.40 3.18 6.10
N HIS B 145 -18.64 3.75 7.27
CA HIS B 145 -17.78 4.81 7.74
C HIS B 145 -17.47 4.63 9.22
N ILE B 146 -16.35 5.18 9.64
CA ILE B 146 -15.93 5.17 11.04
C ILE B 146 -15.71 6.61 11.44
N ASP B 147 -16.46 7.07 12.45
CA ASP B 147 -16.25 8.38 13.04
C ASP B 147 -15.33 8.18 14.24
N THR B 148 -14.09 8.67 14.14
CA THR B 148 -13.14 8.43 15.22
C THR B 148 -13.39 9.32 16.43
N THR B 149 -14.36 10.24 16.38
CA THR B 149 -14.76 10.98 17.57
C THR B 149 -15.92 10.31 18.30
N ASN B 150 -16.46 9.24 17.74
CA ASN B 150 -17.51 8.49 18.42
C ASN B 150 -17.00 7.98 19.76
N PRO B 151 -17.81 8.02 20.82
CA PRO B 151 -17.36 7.48 22.12
C PRO B 151 -17.06 5.99 22.07
N ARG B 152 -17.50 5.27 21.04
CA ARG B 152 -17.16 3.86 20.88
C ARG B 152 -16.06 3.64 19.84
N TYR B 153 -15.34 4.69 19.45
CA TYR B 153 -14.05 4.52 18.81
C TYR B 153 -13.04 4.26 19.92
N THR B 154 -12.85 2.99 20.26
CA THR B 154 -11.97 2.61 21.37
C THR B 154 -10.97 1.55 20.93
N PRO B 155 -10.13 1.84 19.92
CA PRO B 155 -9.19 0.82 19.45
C PRO B 155 -8.15 0.43 20.48
N LYS B 156 -7.88 1.25 21.50
CA LYS B 156 -6.99 0.77 22.56
C LYS B 156 -7.67 -0.33 23.38
N LEU B 157 -8.97 -0.19 23.64
CA LEU B 157 -9.68 -1.22 24.39
C LEU B 157 -9.97 -2.44 23.54
N GLY B 158 -9.86 -2.33 22.23
CA GLY B 158 -10.04 -3.45 21.35
C GLY B 158 -11.30 -3.47 20.52
N SER B 159 -11.94 -2.33 20.29
CA SER B 159 -13.15 -2.35 19.45
C SER B 159 -13.34 -0.99 18.79
N VAL B 160 -13.98 -0.99 17.62
CA VAL B 160 -14.40 0.26 16.98
C VAL B 160 -15.83 0.06 16.49
N LEU B 161 -16.56 1.17 16.37
CA LEU B 161 -17.94 1.16 15.89
C LEU B 161 -17.99 1.76 14.49
N MET B 162 -18.40 0.96 13.52
CA MET B 162 -18.65 1.43 12.16
C MET B 162 -20.14 1.62 11.95
N TYR B 163 -20.48 2.36 10.90
CA TYR B 163 -21.88 2.53 10.51
C TYR B 163 -22.01 2.29 9.00
N SER B 164 -23.13 1.69 8.60
N SER B 164 -23.13 1.69 8.60
CA SER B 164 -23.37 1.36 7.20
CA SER B 164 -23.37 1.36 7.20
C SER B 164 -24.84 1.53 6.89
C SER B 164 -24.84 1.53 6.89
N GLU B 165 -25.13 1.97 5.65
CA GLU B 165 -26.50 1.95 5.17
C GLU B 165 -26.96 0.53 4.89
N SER B 166 -26.03 -0.41 4.71
CA SER B 166 -26.40 -1.79 4.46
C SER B 166 -26.52 -2.58 5.77
N ASN B 167 -27.57 -3.40 5.84
CA ASN B 167 -27.74 -4.34 6.94
C ASN B 167 -27.18 -5.71 6.60
N ASP B 168 -26.52 -5.84 5.45
CA ASP B 168 -26.14 -7.16 4.93
C ASP B 168 -24.73 -7.49 5.44
N PHE B 169 -24.68 -7.75 6.74
CA PHE B 169 -23.47 -8.21 7.42
C PHE B 169 -23.87 -9.34 8.36
N ASP B 170 -22.97 -10.30 8.55
CA ASP B 170 -23.26 -11.50 9.32
C ASP B 170 -22.65 -11.42 10.71
N ASP B 171 -23.47 -11.66 11.73
CA ASP B 171 -23.02 -11.65 13.11
C ASP B 171 -21.91 -12.67 13.35
N GLY B 172 -20.87 -12.26 14.07
CA GLY B 172 -19.85 -13.19 14.53
C GLY B 172 -18.81 -13.61 13.50
N GLN B 173 -18.77 -12.97 12.34
CA GLN B 173 -17.86 -13.38 11.29
C GLN B 173 -16.67 -12.45 11.16
N PRO B 174 -15.56 -12.93 10.61
CA PRO B 174 -14.40 -12.07 10.38
C PRO B 174 -14.75 -10.90 9.48
N THR B 175 -14.29 -9.71 9.87
CA THR B 175 -14.70 -8.48 9.23
C THR B 175 -13.47 -7.62 9.04
N ARG B 176 -13.30 -7.06 7.85
CA ARG B 176 -12.17 -6.18 7.55
C ARG B 176 -12.67 -4.82 7.10
N PHE B 177 -12.03 -3.77 7.58
CA PHE B 177 -12.32 -2.40 7.15
C PHE B 177 -11.13 -1.91 6.34
N THR B 178 -11.39 -1.51 5.09
CA THR B 178 -10.39 -0.91 4.22
C THR B 178 -10.75 0.55 4.01
N PRO B 179 -9.90 1.51 4.40
CA PRO B 179 -10.25 2.92 4.24
C PRO B 179 -10.10 3.37 2.80
N ILE B 180 -10.92 4.36 2.42
CA ILE B 180 -10.86 4.98 1.11
C ILE B 180 -10.65 6.49 1.20
N GLY B 181 -11.37 7.16 2.10
CA GLY B 181 -11.22 8.60 2.14
C GLY B 181 -12.13 9.29 3.13
N MET B 182 -12.48 10.54 2.84
CA MET B 182 -13.32 11.34 3.74
C MET B 182 -14.78 10.92 3.65
N GLY B 183 -15.37 10.52 4.78
CA GLY B 183 -16.79 10.28 4.82
C GLY B 183 -17.63 11.47 5.24
N ALA B 184 -16.98 12.53 5.71
CA ALA B 184 -17.60 13.83 5.94
C ALA B 184 -16.49 14.86 5.89
N ASP B 185 -16.89 16.12 5.72
CA ASP B 185 -15.94 17.23 5.72
C ASP B 185 -15.69 17.67 7.17
N ASP B 186 -15.03 16.77 7.92
CA ASP B 186 -14.85 16.98 9.35
C ASP B 186 -13.48 16.55 9.84
N TRP B 187 -12.48 16.56 8.96
CA TRP B 187 -11.19 16.01 9.36
C TRP B 187 -10.38 17.03 10.15
N HIS B 188 -9.72 16.55 11.20
CA HIS B 188 -8.74 17.35 11.94
C HIS B 188 -7.51 16.47 12.08
N GLN B 189 -6.63 16.51 11.07
CA GLN B 189 -5.63 15.46 10.94
C GLN B 189 -4.57 15.50 12.05
N TRP B 190 -4.47 16.60 12.80
CA TRP B 190 -3.50 16.69 13.88
C TRP B 190 -4.14 16.60 15.25
N GLU B 191 -5.45 16.34 15.33
CA GLU B 191 -6.10 16.14 16.61
C GLU B 191 -6.24 14.64 16.85
N LEU B 192 -5.57 14.13 17.89
CA LEU B 192 -5.59 12.71 18.18
C LEU B 192 -6.97 12.29 18.67
N PRO B 193 -7.45 11.12 18.28
CA PRO B 193 -8.68 10.59 18.89
C PRO B 193 -8.41 10.18 20.33
N GLU B 194 -9.50 9.89 21.06
CA GLU B 194 -9.40 9.30 22.39
C GLU B 194 -9.43 7.78 22.22
N TYR B 195 -8.23 7.19 22.15
CA TYR B 195 -8.12 5.78 21.77
C TYR B 195 -8.81 4.84 22.75
N SER B 196 -8.96 5.25 24.01
CA SER B 196 -9.68 4.47 25.01
C SER B 196 -11.05 5.03 25.31
N GLY B 197 -11.54 5.96 24.50
CA GLY B 197 -12.84 6.54 24.76
C GLY B 197 -12.77 7.66 25.78
N HIS B 198 -13.96 8.13 26.16
CA HIS B 198 -14.08 9.47 26.75
C HIS B 198 -13.51 9.57 28.16
N LEU B 199 -13.38 8.47 28.89
CA LEU B 199 -12.95 8.55 30.30
C LEU B 199 -11.57 7.93 30.54
N THR B 200 -10.66 7.98 29.57
CA THR B 200 -9.29 7.55 29.78
C THR B 200 -8.37 8.32 28.84
N LEU B 201 -7.22 8.76 29.36
CA LEU B 201 -6.24 9.50 28.56
C LEU B 201 -5.45 8.57 27.65
N ASN B 202 -4.98 9.11 26.52
CA ASN B 202 -4.08 8.34 25.66
C ASN B 202 -2.76 8.08 26.37
N MET B 203 -2.13 6.96 26.04
CA MET B 203 -0.83 6.67 26.61
C MET B 203 0.06 5.99 25.58
N ASN B 204 1.36 5.91 25.91
CA ASN B 204 2.36 5.28 25.05
C ASN B 204 2.49 6.00 23.72
N LEU B 205 2.20 7.29 23.69
CA LEU B 205 2.20 8.03 22.43
C LEU B 205 3.61 8.27 21.91
N ALA B 206 3.75 8.23 20.59
CA ALA B 206 4.93 8.81 19.98
C ALA B 206 4.94 10.30 20.28
N PRO B 207 6.11 10.89 20.54
CA PRO B 207 6.15 12.27 21.05
C PRO B 207 5.68 13.29 20.02
N ALA B 208 5.20 14.41 20.55
CA ALA B 208 4.93 15.55 19.68
C ALA B 208 6.25 16.07 19.11
N VAL B 209 6.17 16.62 17.90
CA VAL B 209 7.34 17.20 17.26
C VAL B 209 7.01 18.60 16.76
N ALA B 210 8.05 19.43 16.71
CA ALA B 210 7.93 20.82 16.30
C ALA B 210 9.31 21.33 15.93
N PRO B 211 9.40 22.37 15.11
CA PRO B 211 10.70 23.01 14.87
C PRO B 211 11.26 23.52 16.18
N ALA B 212 12.58 23.44 16.33
CA ALA B 212 13.22 23.90 17.56
C ALA B 212 13.66 25.35 17.51
N PHE B 213 13.55 26.00 16.36
CA PHE B 213 14.01 27.37 16.20
C PHE B 213 12.98 28.16 15.39
N PRO B 214 12.81 29.44 15.71
CA PRO B 214 11.99 30.29 14.84
C PRO B 214 12.60 30.33 13.45
N GLY B 215 11.76 30.44 12.46
CA GLY B 215 12.24 30.42 11.11
C GLY B 215 12.38 29.05 10.49
N GLU B 216 12.15 27.97 11.25
CA GLU B 216 12.07 26.63 10.69
C GLU B 216 10.62 26.16 10.66
N ARG B 217 10.34 25.23 9.75
CA ARG B 217 9.04 24.62 9.57
C ARG B 217 9.23 23.12 9.37
N ILE B 218 8.28 22.33 9.85
CA ILE B 218 8.28 20.92 9.48
C ILE B 218 7.98 20.79 8.00
N LEU B 219 8.72 19.91 7.32
CA LEU B 219 8.45 19.58 5.93
C LEU B 219 7.65 18.28 5.89
N PHE B 220 6.46 18.32 5.29
CA PHE B 220 5.58 17.17 5.24
C PHE B 220 5.55 16.56 3.85
N PHE B 221 5.26 15.26 3.81
CA PHE B 221 4.92 14.56 2.59
C PHE B 221 3.40 14.48 2.53
N ARG B 222 2.80 15.18 1.56
CA ARG B 222 1.35 15.40 1.51
C ARG B 222 0.68 14.51 0.48
N SER B 223 -0.44 13.89 0.86
CA SER B 223 -1.33 13.21 -0.08
C SER B 223 -2.68 13.90 -0.07
N VAL B 224 -3.36 13.84 -1.20
CA VAL B 224 -4.73 14.32 -1.35
C VAL B 224 -5.60 13.08 -1.61
N VAL B 225 -6.52 12.80 -0.71
CA VAL B 225 -7.26 11.54 -0.78
C VAL B 225 -8.72 11.75 -1.18
N PRO B 226 -9.44 10.70 -1.55
CA PRO B 226 -10.83 10.88 -2.00
C PRO B 226 -11.75 11.35 -0.89
N SER B 227 -12.92 11.85 -1.33
CA SER B 227 -14.00 12.27 -0.44
C SER B 227 -15.34 11.82 -1.00
N ALA B 228 -16.18 11.26 -0.13
CA ALA B 228 -17.51 10.79 -0.52
C ALA B 228 -18.58 11.88 -0.36
N GLY B 229 -18.33 13.06 -0.89
CA GLY B 229 -19.32 14.11 -0.85
C GLY B 229 -18.79 15.37 -0.21
N GLY B 230 -19.39 16.50 -0.52
CA GLY B 230 -18.93 17.74 0.06
C GLY B 230 -17.66 18.24 -0.62
N TYR B 231 -17.01 19.18 0.05
CA TYR B 231 -15.88 19.91 -0.53
C TYR B 231 -14.58 19.70 0.24
N GLY B 232 -14.53 18.70 1.12
CA GLY B 232 -13.32 18.39 1.88
C GLY B 232 -12.09 18.25 1.01
N SER B 233 -10.98 18.84 1.47
CA SER B 233 -9.73 18.91 0.71
C SER B 233 -8.99 17.57 0.65
N GLY B 234 -9.16 16.70 1.63
CA GLY B 234 -8.54 15.40 1.59
C GLY B 234 -7.06 15.38 1.91
N HIS B 235 -6.53 16.42 2.57
CA HIS B 235 -5.11 16.45 2.89
C HIS B 235 -4.77 15.49 4.03
N ILE B 236 -3.75 14.66 3.82
CA ILE B 236 -3.14 13.88 4.90
C ILE B 236 -1.64 14.04 4.75
N ASP B 237 -1.01 14.60 5.79
CA ASP B 237 0.41 14.90 5.77
C ASP B 237 1.15 13.92 6.66
N CYS B 238 2.26 13.38 6.18
CA CYS B 238 3.05 12.50 7.04
C CYS B 238 4.48 13.02 7.21
N LEU B 239 5.13 12.58 8.29
CA LEU B 239 6.46 13.06 8.64
C LEU B 239 7.53 12.46 7.73
N ILE B 240 7.41 11.17 7.45
CA ILE B 240 8.25 10.47 6.48
C ILE B 240 7.39 9.45 5.75
N PRO B 241 7.73 9.17 4.50
CA PRO B 241 6.92 8.19 3.74
C PRO B 241 7.09 6.79 4.30
N GLN B 242 6.11 5.93 3.96
CA GLN B 242 6.13 4.57 4.48
C GLN B 242 7.38 3.80 4.03
N GLU B 243 7.88 4.08 2.84
CA GLU B 243 9.11 3.41 2.42
C GLU B 243 10.29 3.79 3.29
N TRP B 244 10.34 5.03 3.78
CA TRP B 244 11.39 5.40 4.72
C TRP B 244 11.22 4.66 6.04
N VAL B 245 9.96 4.54 6.52
CA VAL B 245 9.70 3.72 7.71
C VAL B 245 10.26 2.32 7.53
N GLN B 246 9.94 1.69 6.39
CA GLN B 246 10.42 0.32 6.15
C GLN B 246 11.94 0.27 6.06
N HIS B 247 12.54 1.29 5.44
CA HIS B 247 13.98 1.31 5.24
C HIS B 247 14.72 1.44 6.56
N PHE B 248 14.35 2.42 7.39
CA PHE B 248 15.03 2.61 8.67
C PHE B 248 14.85 1.39 9.57
N TYR B 249 13.65 0.81 9.55
CA TYR B 249 13.39 -0.36 10.38
C TYR B 249 14.34 -1.50 10.04
N GLN B 250 14.58 -1.71 8.74
CA GLN B 250 15.42 -2.83 8.33
C GLN B 250 16.91 -2.50 8.49
N GLU B 251 17.32 -1.28 8.14
CA GLU B 251 18.73 -0.92 8.20
C GLU B 251 19.23 -0.79 9.63
N ALA B 252 18.44 -0.16 10.49
CA ALA B 252 18.83 0.10 11.88
C ALA B 252 20.23 0.69 11.96
N ALA B 253 20.51 1.65 11.09
CA ALA B 253 21.82 2.29 11.11
C ALA B 253 21.94 3.16 12.36
N PRO B 254 23.07 3.11 13.07
CA PRO B 254 23.21 3.98 14.25
C PRO B 254 23.13 5.44 13.85
N SER B 255 22.36 6.21 14.63
CA SER B 255 22.34 7.67 14.45
C SER B 255 23.55 8.29 15.15
N GLN B 256 24.32 9.08 14.41
CA GLN B 256 25.56 9.60 14.95
C GLN B 256 25.40 10.96 15.61
N SER B 257 24.21 11.55 15.54
CA SER B 257 23.90 12.80 16.22
C SER B 257 22.39 12.91 16.24
N ALA B 258 21.88 14.01 16.82
CA ALA B 258 20.44 14.22 16.84
C ALA B 258 19.90 14.71 15.50
N VAL B 259 20.76 15.13 14.57
CA VAL B 259 20.29 15.77 13.34
C VAL B 259 21.14 15.28 12.17
N ALA B 260 20.50 14.70 11.17
CA ALA B 260 21.17 14.38 9.92
C ALA B 260 20.88 15.48 8.91
N LEU B 261 21.92 16.06 8.35
CA LEU B 261 21.75 17.02 7.26
C LEU B 261 21.46 16.25 5.98
N ILE B 262 20.37 16.62 5.30
CA ILE B 262 20.02 15.98 4.03
C ILE B 262 19.78 17.06 2.99
N ARG B 263 19.86 16.67 1.73
CA ARG B 263 19.64 17.60 0.64
C ARG B 263 18.78 16.94 -0.41
N TYR B 264 17.83 17.69 -0.96
CA TYR B 264 17.10 17.23 -2.13
C TYR B 264 17.98 17.43 -3.35
N VAL B 265 18.35 16.34 -4.01
CA VAL B 265 19.34 16.38 -5.06
C VAL B 265 18.72 15.90 -6.36
N ASN B 266 19.26 16.41 -7.46
CA ASN B 266 18.97 15.87 -8.78
C ASN B 266 20.03 14.80 -9.05
N PRO B 267 19.69 13.52 -8.99
CA PRO B 267 20.73 12.48 -9.15
C PRO B 267 21.38 12.45 -10.51
N ASP B 268 20.70 12.97 -11.54
CA ASP B 268 21.27 12.93 -12.88
C ASP B 268 22.33 14.01 -13.09
N THR B 269 22.20 15.15 -12.43
CA THR B 269 23.14 16.25 -12.60
C THR B 269 23.98 16.54 -11.37
N GLY B 270 23.60 16.00 -10.22
CA GLY B 270 24.26 16.31 -8.97
C GLY B 270 23.84 17.62 -8.34
N ARG B 271 22.92 18.35 -8.96
CA ARG B 271 22.53 19.67 -8.44
C ARG B 271 21.80 19.54 -7.11
N ASN B 272 22.21 20.36 -6.13
CA ASN B 272 21.54 20.43 -4.84
C ASN B 272 20.39 21.43 -4.91
N ILE B 273 19.19 21.01 -4.56
CA ILE B 273 18.01 21.89 -4.66
C ILE B 273 17.79 22.67 -3.37
N PHE B 274 17.72 21.97 -2.25
CA PHE B 274 17.62 22.62 -0.95
C PHE B 274 18.11 21.64 0.10
N GLU B 275 18.43 22.17 1.28
CA GLU B 275 18.87 21.35 2.39
C GLU B 275 17.81 21.34 3.50
N ALA B 276 17.90 20.33 4.36
CA ALA B 276 16.92 20.12 5.41
C ALA B 276 17.59 19.39 6.57
N LYS B 277 17.00 19.55 7.75
CA LYS B 277 17.40 18.77 8.93
C LYS B 277 16.49 17.55 9.04
N LEU B 278 17.09 16.36 9.08
CA LEU B 278 16.34 15.13 9.35
C LEU B 278 16.62 14.76 10.80
N HIS B 279 15.63 14.98 11.66
CA HIS B 279 15.82 14.78 13.08
C HIS B 279 15.83 13.30 13.41
N ARG B 280 16.67 12.92 14.38
CA ARG B 280 16.77 11.55 14.83
C ARG B 280 15.41 10.94 15.17
N GLU B 281 14.49 11.76 15.66
CA GLU B 281 13.16 11.27 16.02
C GLU B 281 12.34 10.84 14.80
N GLY B 282 12.72 11.29 13.60
CA GLY B 282 12.07 10.85 12.39
C GLY B 282 11.15 11.86 11.71
N PHE B 283 11.63 13.10 11.58
CA PHE B 283 10.88 14.13 10.88
C PHE B 283 11.86 15.16 10.34
N ILE B 284 11.38 16.00 9.43
CA ILE B 284 12.22 16.92 8.68
C ILE B 284 11.82 18.35 9.02
N THR B 285 12.81 19.23 9.21
CA THR B 285 12.51 20.66 9.18
C THR B 285 13.32 21.34 8.08
N VAL B 286 12.76 22.44 7.57
CA VAL B 286 13.42 23.28 6.58
C VAL B 286 13.40 24.71 7.09
N ALA B 287 14.26 25.55 6.51
CA ALA B 287 14.18 26.97 6.82
C ALA B 287 13.04 27.59 6.03
N ASN B 288 12.16 28.29 6.76
CA ASN B 288 11.06 29.03 6.14
C ASN B 288 11.59 29.97 5.06
N SER B 289 10.94 29.98 3.89
CA SER B 289 11.33 30.90 2.84
C SER B 289 10.12 31.54 2.17
N GLY B 290 9.01 31.62 2.86
CA GLY B 290 7.81 32.25 2.34
C GLY B 290 6.76 31.25 1.91
N ASN B 291 5.62 31.80 1.50
CA ASN B 291 4.47 31.00 1.09
C ASN B 291 4.61 30.43 -0.30
N ASN B 292 5.81 30.44 -0.89
CA ASN B 292 5.99 29.92 -2.24
C ASN B 292 5.71 28.42 -2.26
N PRO B 293 4.98 27.93 -3.26
CA PRO B 293 4.80 26.47 -3.38
C PRO B 293 6.13 25.79 -3.68
N ILE B 294 6.25 24.55 -3.22
CA ILE B 294 7.49 23.82 -3.32
C ILE B 294 7.56 23.11 -4.67
N VAL B 295 8.60 23.42 -5.44
CA VAL B 295 8.81 22.83 -6.77
C VAL B 295 10.16 22.14 -6.79
N VAL B 296 10.14 20.83 -7.06
CA VAL B 296 11.37 20.03 -7.11
C VAL B 296 11.38 19.26 -8.42
N PRO B 297 12.57 18.89 -8.89
CA PRO B 297 12.63 18.05 -10.10
C PRO B 297 12.00 16.70 -9.85
N PRO B 298 11.19 16.19 -10.79
CA PRO B 298 10.50 14.92 -10.55
C PRO B 298 11.44 13.72 -10.46
N ASN B 299 12.68 13.83 -10.94
CA ASN B 299 13.66 12.77 -10.77
C ASN B 299 14.46 12.92 -9.47
N GLY B 300 14.15 13.92 -8.65
CA GLY B 300 14.97 14.17 -7.48
C GLY B 300 14.55 13.37 -6.27
N TYR B 301 15.46 13.29 -5.29
CA TYR B 301 15.11 12.69 -4.01
C TYR B 301 16.10 13.20 -2.97
N PHE B 302 15.75 12.97 -1.70
CA PHE B 302 16.62 13.34 -0.60
C PHE B 302 17.81 12.40 -0.51
N ARG B 303 18.95 12.95 -0.14
CA ARG B 303 20.19 12.19 0.02
C ARG B 303 20.84 12.62 1.33
N PHE B 304 21.27 11.65 2.14
CA PHE B 304 21.97 11.96 3.37
C PHE B 304 23.31 12.60 3.05
N GLU B 305 23.65 13.67 3.79
CA GLU B 305 24.91 14.35 3.58
C GLU B 305 25.89 14.22 4.74
N ALA B 306 25.47 14.56 5.96
CA ALA B 306 26.36 14.50 7.09
C ALA B 306 25.54 14.55 8.37
N TRP B 307 26.13 14.07 9.46
CA TRP B 307 25.53 14.26 10.77
C TRP B 307 25.94 15.62 11.31
N VAL B 308 24.95 16.41 11.73
CA VAL B 308 25.24 17.73 12.29
C VAL B 308 24.57 17.84 13.65
N ASN B 309 24.31 19.05 14.13
CA ASN B 309 23.61 19.21 15.40
C ASN B 309 22.56 20.29 15.26
N GLN B 310 21.87 20.57 16.38
CA GLN B 310 20.77 21.53 16.37
C GLN B 310 21.23 22.94 16.02
N PHE B 311 22.51 23.27 16.23
CA PHE B 311 22.98 24.62 15.97
C PHE B 311 23.26 24.85 14.49
N TYR B 312 23.13 23.83 13.65
CA TYR B 312 23.21 24.03 12.21
C TYR B 312 22.11 25.00 11.78
N THR B 313 22.46 25.97 10.94
CA THR B 313 21.50 26.96 10.46
C THR B 313 21.16 26.65 9.01
N LEU B 314 19.88 26.37 8.75
CA LEU B 314 19.45 25.98 7.41
C LEU B 314 19.31 27.20 6.52
N THR B 315 19.67 27.03 5.26
CA THR B 315 19.46 28.05 4.24
C THR B 315 18.02 27.99 3.75
N PRO B 316 17.33 29.12 3.63
CA PRO B 316 15.94 29.12 3.14
C PRO B 316 15.82 28.38 1.81
N MET B 317 14.84 27.48 1.74
CA MET B 317 14.71 26.61 0.58
C MET B 317 14.08 27.35 -0.59
C1 GAL C . -25.08 17.23 -1.20
C2 GAL C . -24.36 15.88 -1.09
C3 GAL C . -25.36 14.81 -0.63
C4 GAL C . -26.05 15.24 0.69
C5 GAL C . -26.60 16.65 0.54
C6 GAL C . -27.10 17.29 1.83
O1 GAL C . -24.23 18.26 -1.58
O2 GAL C . -23.78 15.45 -2.32
O3 GAL C . -24.72 13.56 -0.39
O4 GAL C . -25.11 15.23 1.75
O5 GAL C . -25.60 17.56 0.07
O6 GAL C . -26.76 18.67 1.88
C1 FUC C . -22.44 15.25 -2.56
C2 FUC C . -22.33 14.55 -3.93
C3 FUC C . -22.62 15.55 -5.08
C4 FUC C . -21.72 16.80 -4.94
C5 FUC C . -21.87 17.38 -3.54
C6 FUC C . -20.96 18.58 -3.27
O2 FUC C . -23.18 13.42 -4.02
O3 FUC C . -22.36 14.93 -6.35
O4 FUC C . -20.36 16.48 -5.20
O5 FUC C . -21.59 16.37 -2.52
C1 GAL D . -26.85 -13.74 -3.39
C2 GAL D . -26.04 -12.45 -3.15
C3 GAL D . -26.83 -11.20 -3.57
C4 GAL D . -27.32 -11.35 -5.03
C5 GAL D . -28.05 -12.69 -5.18
C6 GAL D . -28.50 -13.02 -6.61
O1 GAL D . -26.11 -14.88 -3.09
O2 GAL D . -25.68 -12.29 -1.77
O3 GAL D . -26.04 -10.02 -3.49
O4 GAL D . -26.22 -11.30 -5.94
O5 GAL D . -27.25 -13.80 -4.76
O6 GAL D . -29.39 -14.12 -6.61
C1 FUC D . -24.35 -12.28 -1.40
C2 FUC D . -24.29 -11.61 -0.01
C3 FUC D . -24.88 -12.54 1.06
C4 FUC D . -24.21 -13.95 1.03
C5 FUC D . -24.20 -14.51 -0.41
C6 FUC D . -23.33 -15.76 -0.55
O2 FUC D . -24.90 -10.33 0.01
O3 FUC D . -24.70 -11.99 2.37
O4 FUC D . -22.88 -13.87 1.49
O5 FUC D . -23.71 -13.54 -1.40
C1 GOL E . 27.35 -19.24 -10.15
O1 GOL E . 27.49 -19.85 -11.40
C2 GOL E . 28.34 -19.91 -9.22
O2 GOL E . 27.85 -21.12 -8.72
C3 GOL E . 28.67 -18.86 -8.13
O3 GOL E . 30.04 -18.64 -8.15
C1 GOL F . 8.92 -0.60 -17.90
O1 GOL F . 9.02 -0.13 -19.21
C2 GOL F . 7.55 -1.31 -17.77
O2 GOL F . 7.46 -2.45 -18.56
C3 GOL F . 7.43 -1.65 -16.27
O3 GOL F . 7.53 -0.46 -15.56
C1 GOL G . 16.13 -30.56 -9.87
O1 GOL G . 14.94 -29.86 -9.72
C2 GOL G . 17.14 -29.56 -10.48
O2 GOL G . 17.56 -28.61 -9.57
C3 GOL G . 18.27 -30.45 -10.95
O3 GOL G . 19.16 -29.60 -11.60
C1 GOL H . 4.66 0.59 16.97
O1 GOL H . 5.15 -0.55 16.32
C2 GOL H . 5.38 0.69 18.35
O2 GOL H . 4.71 1.52 19.25
C3 GOL H . 5.49 -0.78 18.84
O3 GOL H . 6.54 -0.81 19.75
#